data_4KRC
#
_entry.id   4KRC
#
_cell.length_a   50.145
_cell.length_b   65.378
_cell.length_c   80.254
_cell.angle_alpha   90.00
_cell.angle_beta   100.61
_cell.angle_gamma   90.00
#
_symmetry.space_group_name_H-M   'P 1 21 1'
#
loop_
_entity.id
_entity.type
_entity.pdbx_description
1 polymer 'Cyclin-dependent protein kinase PHO85'
2 polymer 'PHO85 cyclin-10'
3 non-polymer 'MAGNESIUM ION'
4 non-polymer 'PHOSPHOTHIOPHOSPHORIC ACID-ADENYLATE ESTER'
5 water water
#
loop_
_entity_poly.entity_id
_entity_poly.type
_entity_poly.pdbx_seq_one_letter_code
_entity_poly.pdbx_strand_id
1 'polypeptide(L)'
;MSSSSQFKQLEKLGNGTYATVYKGLNKTTGVYVALKEVKLDSEEGTPSTAIREISLMKELKHENIVRLYDVIHTENKLTL
VFEFMDNDLKKYMDSRTVGNTPRGLELNLVKYFQWQLLQGLAFCHENKILHRDLKPQNLLINKRGQLKLGDFGLARAFGI
PVNTFSSEVVTLWYRAPDVLMGSRTYSTSIDIWSCGCILAEMITGKPLFPGTNDEEQLKLIFDIMGTPNESLWPSVTKLP
KYNPNIQQRPPRDLRQVLQPHTKEPLDGNLMDFLHGLLQLNPDMRLSAKQALHHPWFAEYYHHASMGGSRSHHHHHH
;
A
2 'polypeptide(L)'
;SLPHDEEEDQEKTKSESENPLLHGIPVDVEVPHISVDEALANFKETIELLLKLSGNRKCTGFNTRVEKKEYSNFYMKSKP
TLSSADFLKRIQDKCEYQPTVYLVATFLIDTLFLTRDGNNILQLKLNLQEKEVHRMIIAAVRLSTKLLEDFVHSHEYFSK
VCGISKRLLTKLEVSLLICVCNTKLMVSNRKLAASKLLLNELRSFCV
;
B
#
loop_
_chem_comp.id
_chem_comp.type
_chem_comp.name
_chem_comp.formula
AGS non-polymer 'PHOSPHOTHIOPHOSPHORIC ACID-ADENYLATE ESTER' 'C10 H16 N5 O12 P3 S'
MG non-polymer 'MAGNESIUM ION' 'Mg 2'
#
# COMPACT_ATOMS: atom_id res chain seq x y z
N SER A 2 -14.74 14.77 -6.96
CA SER A 2 -13.92 15.06 -8.13
C SER A 2 -14.26 16.42 -8.76
N SER A 3 -14.14 16.48 -10.08
CA SER A 3 -14.23 17.71 -10.87
C SER A 3 -12.86 18.38 -10.98
N SER A 4 -12.27 18.30 -12.17
CA SER A 4 -10.97 18.90 -12.43
C SER A 4 -10.97 20.39 -12.07
N SER A 5 -11.98 21.11 -12.56
CA SER A 5 -12.08 22.54 -12.30
C SER A 5 -12.10 22.85 -10.82
N GLN A 6 -12.25 21.83 -9.99
CA GLN A 6 -12.35 22.01 -8.55
C GLN A 6 -11.05 22.51 -7.93
N PHE A 7 -9.93 22.21 -8.60
CA PHE A 7 -8.63 22.60 -8.09
C PHE A 7 -7.84 23.36 -9.11
N LYS A 8 -7.20 24.43 -8.67
CA LYS A 8 -6.29 25.17 -9.52
C LYS A 8 -4.88 24.61 -9.32
N GLN A 9 -4.26 24.17 -10.41
CA GLN A 9 -2.92 23.60 -10.33
C GLN A 9 -1.88 24.71 -10.10
N LEU A 10 -0.85 24.40 -9.32
CA LEU A 10 0.20 25.36 -9.02
C LEU A 10 1.58 24.78 -9.31
N GLU A 11 2.57 25.18 -8.52
CA GLU A 11 3.95 24.76 -8.73
C GLU A 11 4.20 23.29 -8.42
N LYS A 12 5.08 22.68 -9.22
CA LYS A 12 5.49 21.32 -8.99
C LYS A 12 6.17 21.19 -7.63
N LEU A 13 5.71 20.22 -6.83
CA LEU A 13 6.28 20.00 -5.50
C LEU A 13 7.25 18.82 -5.50
N GLY A 14 7.15 17.96 -6.51
CA GLY A 14 8.07 16.85 -6.64
C GLY A 14 7.62 15.80 -7.61
N ASN A 15 8.45 14.77 -7.78
CA ASN A 15 8.04 13.59 -8.54
C ASN A 15 8.73 12.32 -8.08
N GLY A 16 8.12 11.19 -8.44
CA GLY A 16 8.69 9.90 -8.17
C GLY A 16 8.53 9.03 -9.39
N THR A 17 8.66 7.73 -9.20
CA THR A 17 8.59 6.78 -10.31
C THR A 17 7.29 6.86 -11.10
N TYR A 18 6.16 6.87 -10.38
CA TYR A 18 4.86 6.74 -11.03
C TYR A 18 4.06 8.03 -11.15
N ALA A 19 4.38 9.02 -10.33
CA ALA A 19 3.56 10.22 -10.25
C ALA A 19 4.35 11.55 -10.25
N THR A 20 3.65 12.62 -10.58
CA THR A 20 4.17 13.98 -10.41
C THR A 20 3.23 14.74 -9.48
N VAL A 21 3.80 15.42 -8.51
CA VAL A 21 3.01 16.13 -7.51
C VAL A 21 3.10 17.65 -7.68
N TYR A 22 1.95 18.31 -7.79
CA TYR A 22 1.88 19.78 -7.83
C TYR A 22 1.14 20.31 -6.62
N LYS A 23 1.55 21.46 -6.11
CA LYS A 23 0.71 22.19 -5.19
C LYS A 23 -0.61 22.47 -5.92
N GLY A 24 -1.70 22.53 -5.17
CA GLY A 24 -2.99 22.81 -5.76
C GLY A 24 -3.80 23.66 -4.79
N LEU A 25 -4.80 24.36 -5.31
CA LEU A 25 -5.66 25.18 -4.44
C LEU A 25 -7.11 24.88 -4.69
N ASN A 26 -7.83 24.50 -3.64
CA ASN A 26 -9.25 24.32 -3.74
C ASN A 26 -9.89 25.70 -3.97
N LYS A 27 -10.55 25.85 -5.11
CA LYS A 27 -11.12 27.13 -5.48
C LYS A 27 -12.21 27.60 -4.51
N THR A 28 -12.94 26.65 -3.93
CA THR A 28 -13.98 26.98 -2.99
C THR A 28 -13.42 27.32 -1.60
N THR A 29 -12.97 26.29 -0.87
CA THR A 29 -12.55 26.42 0.52
C THR A 29 -11.24 27.19 0.70
N GLY A 30 -10.60 27.54 -0.41
CA GLY A 30 -9.37 28.32 -0.35
C GLY A 30 -8.17 27.56 0.18
N VAL A 31 -8.38 26.31 0.60
CA VAL A 31 -7.33 25.52 1.22
C VAL A 31 -6.41 24.85 0.19
N TYR A 32 -5.12 24.86 0.48
CA TYR A 32 -4.12 24.24 -0.37
C TYR A 32 -4.09 22.72 -0.23
N VAL A 33 -3.76 22.04 -1.33
CA VAL A 33 -3.70 20.58 -1.35
C VAL A 33 -2.45 20.13 -2.08
N ALA A 34 -2.23 18.82 -2.13
CA ALA A 34 -1.19 18.26 -2.99
C ALA A 34 -1.85 17.40 -4.08
N LEU A 35 -1.55 17.71 -5.33
CA LEU A 35 -2.17 17.07 -6.48
C LEU A 35 -1.26 16.00 -7.05
N LYS A 36 -1.43 14.76 -6.60
CA LYS A 36 -0.61 13.68 -7.10
C LYS A 36 -1.18 13.20 -8.42
N GLU A 37 -0.48 13.53 -9.50
CA GLU A 37 -0.94 13.17 -10.83
C GLU A 37 -0.35 11.87 -11.32
N VAL A 38 -1.23 10.95 -11.71
CA VAL A 38 -0.82 9.66 -12.25
C VAL A 38 -1.14 9.62 -13.74
N LYS A 39 -0.15 9.32 -14.56
CA LYS A 39 -0.40 9.18 -16.00
C LYS A 39 -1.17 7.88 -16.24
N LEU A 40 -2.20 7.95 -17.09
CA LEU A 40 -3.02 6.79 -17.39
C LEU A 40 -2.96 6.47 -18.88
N ASP A 41 -1.86 5.89 -19.34
CA ASP A 41 -1.75 5.50 -20.74
C ASP A 41 -2.66 4.32 -21.02
N SER A 42 -3.57 4.47 -21.98
CA SER A 42 -4.54 3.43 -22.28
C SER A 42 -3.87 2.12 -22.72
N GLU A 43 -2.57 2.19 -23.00
CA GLU A 43 -1.82 1.03 -23.48
C GLU A 43 -1.17 0.20 -22.36
N GLU A 44 -0.68 0.90 -21.33
CA GLU A 44 -0.02 0.23 -20.21
C GLU A 44 -1.00 -0.17 -19.11
N GLY A 45 -1.95 0.71 -18.82
CA GLY A 45 -2.98 0.44 -17.82
C GLY A 45 -2.91 1.33 -16.58
N THR A 46 -3.86 1.11 -15.67
CA THR A 46 -3.88 1.78 -14.38
C THR A 46 -2.82 1.20 -13.43
N PRO A 47 -1.88 2.04 -13.00
CA PRO A 47 -0.78 1.60 -12.13
C PRO A 47 -1.26 0.99 -10.82
N SER A 48 -0.71 -0.17 -10.47
CA SER A 48 -1.06 -0.83 -9.23
C SER A 48 -0.78 0.03 -8.02
N THR A 49 0.20 0.91 -8.16
CA THR A 49 0.58 1.82 -7.07
C THR A 49 -0.58 2.71 -6.65
N ALA A 50 -1.19 3.38 -7.62
CA ALA A 50 -2.29 4.30 -7.34
C ALA A 50 -3.46 3.56 -6.70
N ILE A 51 -3.73 2.37 -7.21
CA ILE A 51 -4.76 1.50 -6.70
C ILE A 51 -4.49 1.15 -5.25
N ARG A 52 -3.26 0.72 -4.97
CA ARG A 52 -2.89 0.41 -3.60
C ARG A 52 -2.97 1.65 -2.73
N GLU A 53 -2.51 2.77 -3.28
CA GLU A 53 -2.51 4.03 -2.53
C GLU A 53 -3.93 4.44 -2.18
N ILE A 54 -4.83 4.33 -3.13
CA ILE A 54 -6.20 4.75 -2.89
C ILE A 54 -6.92 3.85 -1.89
N SER A 55 -6.83 2.54 -2.09
CA SER A 55 -7.47 1.63 -1.17
C SER A 55 -6.92 1.75 0.24
N LEU A 56 -5.60 1.87 0.36
CA LEU A 56 -4.95 1.84 1.66
C LEU A 56 -5.07 3.15 2.43
N MET A 57 -5.84 4.11 1.91
CA MET A 57 -5.86 5.44 2.51
C MET A 57 -7.22 5.84 3.04
N LYS A 58 -8.27 5.27 2.48
CA LYS A 58 -9.61 5.53 2.98
C LYS A 58 -9.79 4.77 4.31
N GLU A 59 -8.80 3.95 4.63
CA GLU A 59 -8.85 3.11 5.82
C GLU A 59 -7.76 3.44 6.84
N LEU A 60 -6.60 3.88 6.35
CA LEU A 60 -5.51 4.26 7.24
C LEU A 60 -5.56 5.74 7.58
N LYS A 61 -6.31 6.07 8.64
CA LYS A 61 -6.41 7.45 9.09
C LYS A 61 -5.78 7.65 10.46
N HIS A 62 -4.78 8.53 10.50
CA HIS A 62 -3.93 8.74 11.66
C HIS A 62 -3.24 10.06 11.41
N GLU A 63 -2.86 10.76 12.47
CA GLU A 63 -2.31 12.12 12.34
C GLU A 63 -0.90 12.10 11.76
N ASN A 64 -0.31 10.91 11.65
CA ASN A 64 1.04 10.76 11.12
C ASN A 64 1.02 9.99 9.83
N ILE A 65 -0.16 9.91 9.23
CA ILE A 65 -0.26 9.38 7.89
C ILE A 65 -0.99 10.42 7.05
N VAL A 66 -0.37 10.79 5.93
CA VAL A 66 -0.93 11.79 5.06
C VAL A 66 -2.36 11.39 4.71
N ARG A 67 -3.26 12.39 4.62
CA ARG A 67 -4.65 12.17 4.27
C ARG A 67 -4.94 12.31 2.78
N LEU A 68 -5.64 11.34 2.22
CA LEU A 68 -6.11 11.40 0.84
C LEU A 68 -7.51 11.99 0.87
N TYR A 69 -7.74 13.01 0.06
CA TYR A 69 -9.01 13.73 0.13
C TYR A 69 -9.96 13.33 -0.99
N ASP A 70 -9.40 12.97 -2.13
CA ASP A 70 -10.22 12.80 -3.32
C ASP A 70 -9.43 12.16 -4.45
N VAL A 71 -10.13 11.66 -5.46
CA VAL A 71 -9.50 11.01 -6.59
C VAL A 71 -10.20 11.41 -7.88
N ILE A 72 -9.53 12.23 -8.68
CA ILE A 72 -10.12 12.77 -9.91
C ILE A 72 -9.64 12.03 -11.15
N HIS A 73 -10.58 11.71 -12.04
CA HIS A 73 -10.26 10.99 -13.26
C HIS A 73 -10.55 11.81 -14.51
N THR A 74 -9.54 12.52 -15.01
CA THR A 74 -9.63 13.26 -16.25
C THR A 74 -8.96 12.52 -17.41
N GLU A 75 -8.70 13.25 -18.49
CA GLU A 75 -8.19 12.68 -19.73
C GLU A 75 -6.84 12.00 -19.53
N ASN A 76 -6.85 10.67 -19.53
CA ASN A 76 -5.64 9.89 -19.43
C ASN A 76 -4.82 10.23 -18.18
N LYS A 77 -5.49 10.75 -17.15
CA LYS A 77 -4.82 11.17 -15.92
C LYS A 77 -5.68 10.95 -14.67
N LEU A 78 -5.05 10.40 -13.63
CA LEU A 78 -5.69 10.18 -12.35
C LEU A 78 -5.01 11.07 -11.35
N THR A 79 -5.76 11.97 -10.74
CA THR A 79 -5.20 12.84 -9.72
C THR A 79 -5.69 12.41 -8.35
N LEU A 80 -4.76 12.05 -7.49
CA LEU A 80 -5.06 11.78 -6.10
C LEU A 80 -4.79 13.06 -5.32
N VAL A 81 -5.83 13.64 -4.74
CA VAL A 81 -5.70 14.91 -4.02
C VAL A 81 -5.43 14.63 -2.55
N PHE A 82 -4.25 15.05 -2.09
CA PHE A 82 -3.83 14.77 -0.73
C PHE A 82 -3.86 16.06 0.06
N GLU A 83 -3.80 15.94 1.38
CA GLU A 83 -3.58 17.10 2.21
C GLU A 83 -2.20 17.66 1.91
N PHE A 84 -2.07 18.97 2.02
CA PHE A 84 -0.85 19.63 1.60
C PHE A 84 0.17 19.69 2.73
N MET A 85 1.39 19.21 2.43
CA MET A 85 2.48 19.24 3.38
C MET A 85 3.54 20.14 2.80
N ASP A 86 4.31 20.82 3.65
CA ASP A 86 5.22 21.84 3.17
C ASP A 86 6.50 21.25 2.63
N ASN A 87 7.00 20.22 3.28
CA ASN A 87 8.25 19.58 2.89
C ASN A 87 8.14 18.07 2.85
N ASP A 88 9.18 17.46 2.31
CA ASP A 88 9.46 16.10 2.65
C ASP A 88 10.76 16.14 3.46
N LEU A 89 11.16 15.03 4.03
CA LEU A 89 12.27 15.05 4.95
C LEU A 89 13.59 15.41 4.26
N LYS A 90 13.76 14.95 3.02
CA LYS A 90 14.96 15.24 2.27
C LYS A 90 15.07 16.74 2.07
N LYS A 91 14.11 17.32 1.33
CA LYS A 91 14.07 18.77 1.09
C LYS A 91 14.25 19.57 2.35
N TYR A 92 13.57 19.17 3.41
CA TYR A 92 13.66 19.89 4.67
C TYR A 92 15.10 19.93 5.14
N MET A 93 15.77 18.79 5.07
CA MET A 93 17.15 18.71 5.52
C MET A 93 18.07 19.44 4.54
N ASP A 94 17.79 19.30 3.25
CA ASP A 94 18.49 20.03 2.21
C ASP A 94 18.37 21.55 2.40
N SER A 95 17.18 22.00 2.79
CA SER A 95 16.93 23.43 3.01
C SER A 95 17.70 23.97 4.22
N ARG A 96 18.28 23.08 5.01
CA ARG A 96 19.11 23.49 6.14
C ARG A 96 20.59 23.35 5.82
N THR A 97 20.88 22.75 4.66
CA THR A 97 22.26 22.43 4.27
C THR A 97 23.24 23.58 4.54
N PRO A 102 23.91 22.03 9.96
CA PRO A 102 23.85 21.37 8.64
C PRO A 102 24.69 20.12 8.64
N ARG A 103 24.27 19.06 7.95
CA ARG A 103 22.93 18.93 7.37
C ARG A 103 22.13 18.01 8.30
N GLY A 104 22.84 17.36 9.21
CA GLY A 104 22.20 16.58 10.24
C GLY A 104 21.34 17.46 11.11
N LEU A 105 20.44 16.83 11.86
CA LEU A 105 19.48 17.56 12.66
C LEU A 105 19.91 17.58 14.11
N GLU A 106 19.41 18.55 14.86
CA GLU A 106 19.58 18.53 16.31
C GLU A 106 18.83 17.36 16.91
N LEU A 107 19.37 16.81 17.99
CA LEU A 107 18.89 15.55 18.54
C LEU A 107 17.47 15.59 19.12
N ASN A 108 16.92 16.79 19.36
CA ASN A 108 15.54 16.88 19.86
C ASN A 108 14.57 16.89 18.70
N LEU A 109 15.05 17.37 17.56
CA LEU A 109 14.29 17.33 16.32
C LEU A 109 14.23 15.90 15.83
N VAL A 110 15.38 15.23 15.90
CA VAL A 110 15.50 13.85 15.47
C VAL A 110 14.55 12.98 16.29
N LYS A 111 14.70 13.02 17.60
CA LYS A 111 13.84 12.26 18.48
C LYS A 111 12.36 12.54 18.16
N TYR A 112 12.09 13.79 17.79
CA TYR A 112 10.71 14.22 17.62
C TYR A 112 10.15 13.77 16.30
N PHE A 113 11.01 13.67 15.29
CA PHE A 113 10.61 13.19 13.97
C PHE A 113 10.57 11.65 13.92
N GLN A 114 11.53 11.01 14.59
CA GLN A 114 11.55 9.56 14.66
C GLN A 114 10.31 9.06 15.42
N TRP A 115 10.07 9.66 16.58
CA TRP A 115 8.88 9.36 17.39
C TRP A 115 7.62 9.36 16.54
N GLN A 116 7.50 10.36 15.68
CA GLN A 116 6.31 10.51 14.85
C GLN A 116 6.29 9.49 13.73
N LEU A 117 7.46 9.15 13.22
CA LEU A 117 7.61 8.08 12.24
C LEU A 117 7.09 6.78 12.84
N LEU A 118 7.59 6.46 14.01
CA LEU A 118 7.21 5.21 14.65
C LEU A 118 5.72 5.23 15.00
N GLN A 119 5.18 6.38 15.38
CA GLN A 119 3.76 6.44 15.70
C GLN A 119 2.94 6.06 14.47
N GLY A 120 3.21 6.74 13.36
CA GLY A 120 2.48 6.45 12.14
C GLY A 120 2.71 5.02 11.72
N LEU A 121 3.93 4.54 11.93
CA LEU A 121 4.27 3.21 11.48
C LEU A 121 3.52 2.17 12.30
N ALA A 122 3.59 2.30 13.62
CA ALA A 122 2.86 1.41 14.53
C ALA A 122 1.41 1.26 14.14
N PHE A 123 0.81 2.33 13.64
CA PHE A 123 -0.58 2.27 13.22
C PHE A 123 -0.75 1.39 11.98
N CYS A 124 0.15 1.55 11.02
CA CYS A 124 0.11 0.75 9.79
C CYS A 124 0.19 -0.73 10.11
N HIS A 125 1.10 -1.07 10.99
CA HIS A 125 1.32 -2.46 11.36
C HIS A 125 0.16 -3.03 12.18
N GLU A 126 -0.40 -2.20 13.05
CA GLU A 126 -1.58 -2.56 13.81
C GLU A 126 -2.67 -3.00 12.85
N ASN A 127 -2.68 -2.37 11.68
CA ASN A 127 -3.67 -2.66 10.64
C ASN A 127 -3.19 -3.68 9.61
N LYS A 128 -2.10 -4.35 9.92
CA LYS A 128 -1.58 -5.36 9.02
C LYS A 128 -1.14 -4.79 7.67
N ILE A 129 -0.58 -3.59 7.69
CA ILE A 129 -0.13 -2.95 6.47
C ILE A 129 1.37 -2.67 6.54
N LEU A 130 2.09 -3.11 5.53
CA LEU A 130 3.52 -2.85 5.44
C LEU A 130 3.69 -1.71 4.48
N HIS A 131 4.55 -0.76 4.82
CA HIS A 131 4.78 0.36 3.93
C HIS A 131 5.75 0.02 2.80
N ARG A 132 6.86 -0.63 3.14
CA ARG A 132 7.80 -1.12 2.15
C ARG A 132 8.53 -0.05 1.35
N ASP A 133 8.30 1.23 1.65
CA ASP A 133 9.03 2.30 0.96
C ASP A 133 9.35 3.49 1.84
N LEU A 134 9.71 3.23 3.09
CA LEU A 134 10.07 4.27 4.02
C LEU A 134 11.44 4.83 3.68
N LYS A 135 11.47 6.13 3.40
CA LYS A 135 12.70 6.88 3.12
C LYS A 135 12.33 8.36 3.18
N PRO A 136 13.30 9.22 3.52
CA PRO A 136 13.01 10.66 3.73
C PRO A 136 12.12 11.32 2.68
N GLN A 137 12.28 11.00 1.40
CA GLN A 137 11.43 11.58 0.36
C GLN A 137 9.95 11.26 0.55
N ASN A 138 9.68 10.13 1.19
CA ASN A 138 8.32 9.68 1.46
C ASN A 138 7.81 10.04 2.85
N LEU A 139 8.55 10.89 3.57
CA LEU A 139 8.11 11.38 4.88
C LEU A 139 7.90 12.90 4.82
N LEU A 140 6.65 13.30 4.85
CA LEU A 140 6.27 14.67 4.64
C LEU A 140 6.23 15.44 5.95
N ILE A 141 6.68 16.68 5.91
CA ILE A 141 6.70 17.50 7.10
C ILE A 141 6.03 18.82 6.79
N ASN A 142 5.37 19.38 7.78
CA ASN A 142 4.63 20.60 7.57
C ASN A 142 5.06 21.65 8.58
N LYS A 143 4.40 22.81 8.54
CA LYS A 143 4.83 23.97 9.34
C LYS A 143 4.71 23.74 10.85
N ARG A 144 3.61 23.10 11.26
CA ARG A 144 3.42 22.75 12.66
C ARG A 144 4.51 21.76 13.09
N GLY A 145 5.17 21.16 12.12
CA GLY A 145 6.26 20.25 12.42
C GLY A 145 5.82 18.79 12.39
N GLN A 146 4.53 18.57 12.14
CA GLN A 146 4.02 17.21 11.96
C GLN A 146 4.79 16.49 10.88
N LEU A 147 5.04 15.20 11.12
CA LEU A 147 5.61 14.33 10.10
C LEU A 147 4.58 13.28 9.71
N LYS A 148 4.42 13.03 8.41
CA LYS A 148 3.47 12.03 7.98
C LYS A 148 4.06 11.09 6.94
N LEU A 149 3.86 9.80 7.14
CA LEU A 149 4.18 8.81 6.14
C LEU A 149 3.33 9.10 4.91
N GLY A 150 3.93 9.06 3.74
CA GLY A 150 3.16 9.14 2.51
C GLY A 150 3.69 8.12 1.53
N ASP A 151 3.21 8.16 0.28
CA ASP A 151 3.70 7.25 -0.77
C ASP A 151 3.43 5.79 -0.42
N PHE A 152 2.16 5.44 -0.23
CA PHE A 152 1.78 4.07 0.11
C PHE A 152 1.66 3.16 -1.12
N GLY A 153 2.27 3.55 -2.23
CA GLY A 153 2.17 2.77 -3.45
C GLY A 153 2.78 1.38 -3.40
N LEU A 154 3.83 1.20 -2.60
CA LEU A 154 4.45 -0.13 -2.46
C LEU A 154 3.86 -0.89 -1.28
N ALA A 155 2.92 -0.28 -0.57
CA ALA A 155 2.33 -0.88 0.62
C ALA A 155 1.69 -2.21 0.30
N ARG A 156 1.44 -3.01 1.32
CA ARG A 156 0.81 -4.30 1.15
C ARG A 156 0.27 -4.82 2.47
N ALA A 157 -0.92 -5.41 2.42
CA ALA A 157 -1.50 -6.03 3.60
C ALA A 157 -0.81 -7.37 3.85
N PHE A 158 -0.44 -7.64 5.10
CA PHE A 158 0.12 -8.96 5.40
C PHE A 158 -0.85 -9.84 6.21
N GLY A 159 -0.45 -11.10 6.43
CA GLY A 159 -1.30 -12.07 7.11
C GLY A 159 -2.11 -12.91 6.15
N ILE A 160 -2.12 -12.50 4.88
CA ILE A 160 -2.98 -13.12 3.86
C ILE A 160 -2.14 -13.96 2.90
N PRO A 161 -2.75 -15.01 2.32
CA PRO A 161 -2.11 -15.81 1.26
C PRO A 161 -1.93 -15.05 -0.04
N VAL A 162 -0.69 -14.72 -0.38
CA VAL A 162 -0.37 -14.07 -1.64
C VAL A 162 0.68 -14.88 -2.41
N ASN A 163 0.47 -15.02 -3.72
CA ASN A 163 1.30 -15.89 -4.54
C ASN A 163 2.58 -15.25 -5.07
N THR A 164 2.44 -14.15 -5.81
CA THR A 164 3.58 -13.50 -6.45
C THR A 164 4.56 -12.91 -5.46
N PHE A 165 5.81 -12.74 -5.89
CA PHE A 165 6.86 -12.24 -5.02
C PHE A 165 7.58 -11.03 -5.61
N SER A 166 8.10 -10.20 -4.72
CA SER A 166 8.97 -9.09 -5.10
C SER A 166 9.88 -8.76 -3.92
N SER A 167 11.14 -9.18 -4.03
CA SER A 167 12.16 -8.76 -3.08
C SER A 167 12.80 -7.49 -3.62
N GLU A 168 12.16 -6.94 -4.65
CA GLU A 168 12.66 -5.74 -5.31
C GLU A 168 11.96 -4.47 -4.81
N VAL A 169 11.34 -4.57 -3.62
CA VAL A 169 10.69 -3.41 -3.03
C VAL A 169 11.59 -2.69 -2.02
N VAL A 170 11.26 -1.43 -1.75
CA VAL A 170 12.06 -0.54 -0.92
C VAL A 170 13.27 -0.05 -1.69
N THR A 171 13.39 1.27 -1.89
CA THR A 171 14.54 1.80 -2.60
C THR A 171 15.83 1.33 -1.92
N LEU A 172 16.77 0.90 -2.75
CA LEU A 172 17.92 0.13 -2.33
C LEU A 172 18.58 0.59 -1.02
N TRP A 173 18.83 1.89 -0.89
CA TRP A 173 19.55 2.41 0.26
C TRP A 173 18.88 2.06 1.57
N TYR A 174 17.60 1.67 1.50
CA TYR A 174 16.79 1.50 2.70
C TYR A 174 16.24 0.08 2.80
N ARG A 175 16.84 -0.85 2.06
CA ARG A 175 16.33 -2.20 1.97
C ARG A 175 17.11 -3.08 2.93
N ALA A 176 16.43 -4.05 3.52
CA ALA A 176 16.99 -4.86 4.58
C ALA A 176 17.87 -5.96 4.01
N PRO A 177 18.93 -6.32 4.74
CA PRO A 177 19.88 -7.37 4.34
C PRO A 177 19.19 -8.68 3.95
N ASP A 178 18.28 -9.15 4.80
CA ASP A 178 17.59 -10.40 4.56
C ASP A 178 16.78 -10.35 3.28
N VAL A 179 16.35 -9.15 2.91
CA VAL A 179 15.62 -8.99 1.66
C VAL A 179 16.62 -9.06 0.53
N LEU A 180 17.67 -8.26 0.64
CA LEU A 180 18.73 -8.27 -0.35
C LEU A 180 19.19 -9.70 -0.64
N MET A 181 19.12 -10.57 0.38
CA MET A 181 19.64 -11.93 0.23
C MET A 181 18.56 -12.88 -0.21
N GLY A 182 17.36 -12.36 -0.40
CA GLY A 182 16.33 -13.13 -1.05
C GLY A 182 15.13 -13.50 -0.20
N SER A 183 15.12 -13.10 1.06
CA SER A 183 13.97 -13.38 1.91
C SER A 183 12.67 -12.91 1.24
N ARG A 184 11.75 -13.85 1.04
CA ARG A 184 10.44 -13.51 0.47
C ARG A 184 9.36 -13.61 1.55
N THR A 185 9.79 -13.67 2.80
CA THR A 185 8.87 -13.79 3.94
C THR A 185 9.14 -12.74 5.00
N TYR A 186 9.47 -11.53 4.59
CA TYR A 186 9.58 -10.45 5.55
C TYR A 186 8.20 -10.02 6.07
N SER A 187 8.13 -9.67 7.35
CA SER A 187 6.94 -8.97 7.84
C SER A 187 7.27 -7.49 8.07
N THR A 188 6.92 -7.00 9.26
CA THR A 188 7.12 -5.62 9.64
C THR A 188 8.59 -5.24 9.84
N SER A 189 9.45 -6.25 9.91
CA SER A 189 10.87 -6.02 10.16
C SER A 189 11.46 -5.18 9.03
N ILE A 190 10.84 -5.26 7.86
CA ILE A 190 11.40 -4.58 6.71
C ILE A 190 11.29 -3.06 6.91
N ASP A 191 10.11 -2.58 7.29
CA ASP A 191 9.89 -1.17 7.59
C ASP A 191 10.80 -0.66 8.73
N ILE A 192 11.02 -1.50 9.73
CA ILE A 192 11.82 -1.10 10.88
C ILE A 192 13.26 -0.81 10.48
N TRP A 193 13.79 -1.58 9.54
CA TRP A 193 15.17 -1.41 9.10
C TRP A 193 15.28 -0.04 8.46
N SER A 194 14.33 0.28 7.58
CA SER A 194 14.25 1.59 6.96
C SER A 194 14.27 2.70 7.99
N CYS A 195 13.50 2.54 9.06
CA CYS A 195 13.47 3.55 10.12
C CYS A 195 14.83 3.70 10.77
N GLY A 196 15.60 2.62 10.76
CA GLY A 196 16.91 2.62 11.37
C GLY A 196 17.83 3.44 10.51
N CYS A 197 17.74 3.22 9.20
CA CYS A 197 18.52 3.97 8.24
C CYS A 197 18.19 5.45 8.35
N ILE A 198 16.90 5.75 8.24
CA ILE A 198 16.41 7.11 8.33
C ILE A 198 16.89 7.78 9.61
N LEU A 199 16.85 7.06 10.71
CA LEU A 199 17.32 7.64 11.97
C LEU A 199 18.77 8.09 11.83
N ALA A 200 19.62 7.21 11.32
CA ALA A 200 21.02 7.55 11.12
C ALA A 200 21.16 8.80 10.26
N GLU A 201 20.56 8.76 9.08
CA GLU A 201 20.57 9.87 8.14
C GLU A 201 20.17 11.20 8.78
N MET A 202 19.19 11.18 9.67
CA MET A 202 18.77 12.41 10.34
C MET A 202 19.86 12.94 11.23
N ILE A 203 20.61 12.05 11.86
CA ILE A 203 21.61 12.45 12.86
C ILE A 203 22.85 13.03 12.21
N THR A 204 23.26 12.41 11.09
CA THR A 204 24.49 12.76 10.40
C THR A 204 24.28 13.66 9.18
N GLY A 205 23.08 13.65 8.62
CA GLY A 205 22.84 14.34 7.37
C GLY A 205 23.18 13.49 6.16
N LYS A 206 23.79 12.34 6.38
CA LYS A 206 24.22 11.49 5.27
C LYS A 206 23.48 10.16 5.29
N PRO A 207 23.15 9.62 4.11
CA PRO A 207 22.60 8.25 4.05
C PRO A 207 23.53 7.29 4.76
N LEU A 208 23.00 6.20 5.29
CA LEU A 208 23.83 5.27 6.04
C LEU A 208 24.49 4.27 5.10
N PHE A 209 23.72 3.77 4.14
CA PHE A 209 24.19 2.75 3.21
C PHE A 209 23.90 3.11 1.77
N PRO A 210 24.68 4.04 1.22
CA PRO A 210 24.47 4.60 -0.13
C PRO A 210 24.75 3.63 -1.27
N GLY A 211 24.37 2.36 -1.14
CA GLY A 211 24.71 1.38 -2.16
C GLY A 211 24.25 1.70 -3.57
N THR A 212 25.05 1.30 -4.56
CA THR A 212 24.65 1.44 -5.96
C THR A 212 24.15 0.13 -6.59
N ASN A 213 24.30 -0.98 -5.87
CA ASN A 213 23.67 -2.22 -6.30
C ASN A 213 23.52 -3.24 -5.16
N ASP A 214 22.75 -4.29 -5.43
CA ASP A 214 22.44 -5.26 -4.41
C ASP A 214 23.68 -5.68 -3.64
N GLU A 215 24.72 -6.09 -4.35
CA GLU A 215 25.96 -6.56 -3.70
C GLU A 215 26.71 -5.43 -2.96
N GLU A 216 26.83 -4.26 -3.57
CA GLU A 216 27.50 -3.17 -2.85
C GLU A 216 26.70 -2.76 -1.61
N GLN A 217 25.39 -2.97 -1.66
CA GLN A 217 24.54 -2.63 -0.51
C GLN A 217 24.81 -3.57 0.66
N LEU A 218 24.88 -4.87 0.39
CA LEU A 218 25.22 -5.84 1.44
C LEU A 218 26.60 -5.52 2.00
N LYS A 219 27.56 -5.26 1.12
CA LYS A 219 28.91 -4.98 1.57
C LYS A 219 28.90 -3.78 2.51
N LEU A 220 28.19 -2.72 2.11
CA LEU A 220 28.07 -1.55 2.95
C LEU A 220 27.44 -1.88 4.31
N ILE A 221 26.41 -2.73 4.30
CA ILE A 221 25.74 -3.06 5.55
C ILE A 221 26.68 -3.78 6.51
N PHE A 222 27.35 -4.82 6.01
CA PHE A 222 28.24 -5.65 6.83
C PHE A 222 29.51 -4.93 7.26
N ASP A 223 30.02 -4.05 6.42
CA ASP A 223 31.13 -3.20 6.82
C ASP A 223 30.83 -2.59 8.18
N ILE A 224 29.57 -2.24 8.40
CA ILE A 224 29.21 -1.53 9.62
C ILE A 224 28.56 -2.45 10.64
N MET A 225 27.72 -3.37 10.16
CA MET A 225 26.98 -4.25 11.07
C MET A 225 27.66 -5.63 11.23
N GLY A 226 28.85 -5.76 10.68
CA GLY A 226 29.55 -7.03 10.65
C GLY A 226 28.80 -7.97 9.73
N THR A 227 29.42 -9.08 9.39
CA THR A 227 28.76 -10.06 8.54
C THR A 227 27.74 -10.85 9.35
N PRO A 228 26.81 -11.51 8.67
CA PRO A 228 25.81 -12.36 9.32
C PRO A 228 26.45 -13.43 10.21
N ASN A 229 25.95 -13.56 11.43
CA ASN A 229 26.55 -14.43 12.42
C ASN A 229 25.55 -15.54 12.75
N GLU A 230 25.76 -16.73 12.20
CA GLU A 230 24.75 -17.78 12.28
C GLU A 230 24.36 -18.11 13.71
N SER A 231 25.24 -17.81 14.66
CA SER A 231 24.90 -17.95 16.06
C SER A 231 23.81 -16.96 16.48
N LEU A 232 23.76 -15.81 15.82
CA LEU A 232 22.79 -14.76 16.16
C LEU A 232 21.63 -14.70 15.16
N TRP A 233 21.65 -15.60 14.20
CA TRP A 233 20.72 -15.55 13.08
C TRP A 233 20.79 -16.88 12.33
N PRO A 234 20.40 -17.98 12.99
CA PRO A 234 20.56 -19.33 12.46
C PRO A 234 19.80 -19.49 11.14
N SER A 235 18.62 -18.88 11.05
CA SER A 235 17.78 -19.02 9.88
C SER A 235 18.40 -18.35 8.64
N VAL A 236 19.48 -17.61 8.85
CA VAL A 236 20.17 -16.97 7.74
C VAL A 236 20.55 -17.98 6.65
N THR A 237 20.91 -19.20 7.05
CA THR A 237 21.37 -20.23 6.10
C THR A 237 20.30 -20.56 5.08
N LYS A 238 19.05 -20.19 5.40
CA LYS A 238 17.93 -20.45 4.51
C LYS A 238 17.92 -19.53 3.29
N LEU A 239 18.42 -18.30 3.45
CA LEU A 239 18.29 -17.28 2.40
C LEU A 239 19.18 -17.61 1.20
N PRO A 240 18.58 -17.62 0.01
CA PRO A 240 19.19 -18.02 -1.27
C PRO A 240 20.49 -17.30 -1.64
N LYS A 241 20.60 -16.00 -1.38
CA LYS A 241 21.83 -15.29 -1.71
C LYS A 241 22.78 -15.20 -0.52
N TYR A 242 22.57 -16.06 0.47
CA TYR A 242 23.47 -16.10 1.64
C TYR A 242 24.73 -16.89 1.32
N ASN A 243 25.88 -16.33 1.68
CA ASN A 243 27.15 -17.01 1.46
C ASN A 243 27.95 -17.17 2.74
N PRO A 244 28.15 -18.43 3.17
CA PRO A 244 28.84 -18.81 4.39
C PRO A 244 30.35 -18.64 4.27
N ASN A 245 30.87 -18.86 3.08
CA ASN A 245 32.32 -18.88 2.86
C ASN A 245 32.98 -17.53 3.06
N ILE A 246 32.32 -16.45 2.64
CA ILE A 246 32.91 -15.12 2.68
C ILE A 246 33.58 -14.85 4.04
N GLN A 247 34.47 -13.86 4.03
CA GLN A 247 35.30 -13.58 5.19
C GLN A 247 34.50 -12.95 6.31
N GLN A 248 34.73 -13.41 7.54
CA GLN A 248 34.10 -12.81 8.71
C GLN A 248 34.38 -11.32 8.72
N ARG A 249 33.63 -10.60 9.54
CA ARG A 249 33.72 -9.15 9.62
C ARG A 249 32.85 -8.76 10.79
N PRO A 250 33.46 -8.23 11.85
CA PRO A 250 32.71 -7.94 13.06
C PRO A 250 31.99 -6.59 12.96
N PRO A 251 30.97 -6.38 13.79
CA PRO A 251 30.29 -5.09 13.71
C PRO A 251 31.25 -4.01 14.13
N ARG A 252 31.14 -2.81 13.57
CA ARG A 252 31.89 -1.67 14.06
C ARG A 252 31.12 -1.06 15.22
N ASP A 253 31.78 -0.18 15.97
CA ASP A 253 31.11 0.58 17.01
C ASP A 253 30.32 1.69 16.34
N LEU A 254 29.00 1.57 16.40
CA LEU A 254 28.10 2.45 15.66
C LEU A 254 28.25 3.89 16.09
N ARG A 255 28.39 4.10 17.38
CA ARG A 255 28.59 5.44 17.92
C ARG A 255 29.80 6.12 17.28
N GLN A 256 30.72 5.29 16.78
CA GLN A 256 31.98 5.80 16.24
C GLN A 256 31.87 6.09 14.75
N VAL A 257 31.01 5.36 14.07
CA VAL A 257 30.84 5.58 12.64
C VAL A 257 29.94 6.79 12.43
N LEU A 258 29.19 7.14 13.47
CA LEU A 258 28.21 8.23 13.40
C LEU A 258 28.74 9.54 13.95
N GLN A 259 29.20 9.48 15.20
CA GLN A 259 29.61 10.67 15.94
C GLN A 259 30.42 11.69 15.13
N PRO A 260 31.35 11.21 14.29
CA PRO A 260 32.09 12.16 13.45
C PRO A 260 31.18 13.14 12.71
N HIS A 261 30.09 12.64 12.14
CA HIS A 261 29.27 13.45 11.24
C HIS A 261 28.24 14.34 11.91
N THR A 262 28.30 14.42 13.24
CA THR A 262 27.40 15.31 13.99
C THR A 262 28.10 15.87 15.21
N LYS A 263 27.85 17.14 15.51
CA LYS A 263 28.48 17.80 16.65
C LYS A 263 27.71 17.49 17.93
N GLU A 264 26.55 16.86 17.77
CA GLU A 264 25.75 16.47 18.93
C GLU A 264 26.23 15.14 19.50
N PRO A 265 26.28 15.04 20.83
CA PRO A 265 26.78 13.87 21.54
C PRO A 265 25.79 12.72 21.49
N LEU A 266 26.20 11.59 20.92
CA LEU A 266 25.33 10.42 20.77
C LEU A 266 25.34 9.55 22.02
N ASP A 267 24.29 9.67 22.84
CA ASP A 267 24.28 8.98 24.13
C ASP A 267 24.01 7.47 24.02
N GLY A 268 23.83 6.84 25.17
CA GLY A 268 23.64 5.40 25.23
C GLY A 268 22.28 4.97 24.71
N ASN A 269 21.23 5.66 25.16
CA ASN A 269 19.88 5.33 24.72
C ASN A 269 19.80 5.39 23.21
N LEU A 270 20.20 6.53 22.66
CA LEU A 270 20.18 6.75 21.22
C LEU A 270 20.80 5.56 20.49
N MET A 271 22.04 5.24 20.83
CA MET A 271 22.81 4.21 20.13
C MET A 271 22.19 2.82 20.29
N ASP A 272 21.76 2.55 21.52
CA ASP A 272 21.06 1.32 21.80
C ASP A 272 19.84 1.22 20.91
N PHE A 273 18.98 2.23 21.01
CA PHE A 273 17.79 2.37 20.18
C PHE A 273 18.08 2.20 18.70
N LEU A 274 19.23 2.70 18.26
CA LEU A 274 19.62 2.51 16.88
C LEU A 274 20.02 1.06 16.59
N HIS A 275 20.67 0.39 17.55
CA HIS A 275 21.02 -1.01 17.35
C HIS A 275 19.79 -1.91 17.28
N GLY A 276 18.76 -1.53 18.04
CA GLY A 276 17.52 -2.28 18.07
C GLY A 276 16.79 -2.23 16.75
N LEU A 277 16.98 -1.14 16.02
CA LEU A 277 16.29 -0.92 14.76
C LEU A 277 17.05 -1.60 13.65
N LEU A 278 18.38 -1.57 13.76
CA LEU A 278 19.24 -2.09 12.69
C LEU A 278 19.78 -3.51 12.93
N GLN A 279 19.21 -4.24 13.89
CA GLN A 279 19.52 -5.65 14.07
C GLN A 279 19.56 -6.40 12.74
N LEU A 280 20.63 -7.14 12.48
CA LEU A 280 20.70 -7.91 11.24
C LEU A 280 19.58 -8.94 11.18
N ASN A 281 19.31 -9.58 12.29
CA ASN A 281 18.31 -10.63 12.31
C ASN A 281 16.92 -10.02 12.38
N PRO A 282 16.15 -10.16 11.29
CA PRO A 282 14.81 -9.59 11.18
C PRO A 282 14.03 -9.71 12.48
N ASP A 283 14.02 -10.89 13.07
CA ASP A 283 13.20 -11.20 14.25
C ASP A 283 13.68 -10.49 15.52
N MET A 284 14.90 -9.95 15.46
CA MET A 284 15.53 -9.29 16.60
C MET A 284 15.28 -7.77 16.58
N ARG A 285 14.82 -7.23 15.47
CA ARG A 285 14.56 -5.78 15.39
C ARG A 285 13.33 -5.40 16.20
N LEU A 286 13.46 -4.35 17.01
CA LEU A 286 12.30 -3.78 17.69
C LEU A 286 11.10 -3.71 16.75
N SER A 287 9.90 -3.82 17.32
CA SER A 287 8.68 -3.47 16.60
C SER A 287 8.45 -1.98 16.76
N ALA A 288 7.59 -1.40 15.94
CA ALA A 288 7.27 0.03 16.11
C ALA A 288 6.83 0.24 17.54
N LYS A 289 5.86 -0.57 17.98
CA LYS A 289 5.26 -0.40 19.30
C LYS A 289 6.30 -0.38 20.41
N GLN A 290 7.29 -1.26 20.33
CA GLN A 290 8.26 -1.31 21.42
C GLN A 290 9.39 -0.31 21.24
N ALA A 291 9.62 0.13 20.01
CA ALA A 291 10.47 1.29 19.78
C ALA A 291 9.88 2.51 20.51
N LEU A 292 8.60 2.75 20.29
CA LEU A 292 7.91 3.85 20.96
C LEU A 292 8.14 3.90 22.48
N HIS A 293 8.41 2.75 23.08
CA HIS A 293 8.56 2.68 24.53
C HIS A 293 10.01 2.58 24.96
N HIS A 294 10.91 2.83 24.03
CA HIS A 294 12.33 2.77 24.38
C HIS A 294 12.61 3.97 25.27
N PRO A 295 13.49 3.77 26.26
CA PRO A 295 13.78 4.83 27.24
C PRO A 295 14.20 6.13 26.57
N TRP A 296 14.73 6.04 25.35
CA TRP A 296 15.19 7.23 24.63
C TRP A 296 14.05 8.22 24.46
N PHE A 297 12.83 7.70 24.53
CA PHE A 297 11.64 8.52 24.39
C PHE A 297 11.01 8.83 25.74
N ALA A 298 11.80 8.70 26.80
CA ALA A 298 11.28 8.80 28.17
C ALA A 298 10.57 10.12 28.44
N GLU A 299 11.23 11.22 28.06
CA GLU A 299 10.71 12.55 28.32
C GLU A 299 9.37 12.79 27.62
N TYR A 300 9.03 11.93 26.68
CA TYR A 300 7.76 12.02 25.98
C TYR A 300 6.60 11.35 26.74
N TYR A 301 6.89 10.76 27.88
CA TYR A 301 5.87 9.96 28.57
C TYR A 301 5.38 10.50 29.91
N HIS A 302 4.51 9.73 30.57
CA HIS A 302 3.93 10.11 31.86
C HIS A 302 4.99 10.13 32.96
N GLU B 18 -16.94 1.07 10.88
CA GLU B 18 -15.93 0.51 9.98
C GLU B 18 -16.54 -0.44 8.95
N ASN B 19 -17.04 0.14 7.87
CA ASN B 19 -17.68 -0.62 6.77
C ASN B 19 -18.86 -1.50 7.19
N PRO B 20 -20.08 -1.07 6.83
CA PRO B 20 -21.33 -1.74 7.19
C PRO B 20 -21.31 -3.22 6.85
N LEU B 21 -20.96 -3.54 5.61
CA LEU B 21 -21.00 -4.93 5.15
C LEU B 21 -20.15 -5.85 6.03
N LEU B 22 -19.42 -5.29 6.97
CA LEU B 22 -18.59 -6.07 7.87
C LEU B 22 -19.20 -6.11 9.27
N HIS B 23 -20.19 -5.24 9.49
CA HIS B 23 -20.85 -5.13 10.78
C HIS B 23 -21.57 -6.43 11.13
N GLY B 24 -20.91 -7.27 11.92
CA GLY B 24 -21.46 -8.54 12.33
C GLY B 24 -20.52 -9.69 12.01
N ILE B 25 -19.26 -9.37 11.78
CA ILE B 25 -18.25 -10.40 11.47
C ILE B 25 -17.08 -10.34 12.45
N PRO B 26 -16.68 -11.50 12.99
CA PRO B 26 -15.54 -11.52 13.91
C PRO B 26 -14.38 -10.75 13.31
N VAL B 27 -13.99 -9.66 13.96
CA VAL B 27 -12.83 -8.90 13.53
C VAL B 27 -11.60 -9.80 13.55
N ASP B 28 -11.79 -11.04 14.00
CA ASP B 28 -10.78 -12.08 13.89
C ASP B 28 -11.04 -12.93 12.65
N VAL B 29 -12.20 -13.60 12.63
CA VAL B 29 -12.61 -14.42 11.49
C VAL B 29 -11.43 -15.06 10.77
N PRO B 32 -11.14 -18.90 6.65
CA PRO B 32 -11.72 -18.94 5.31
C PRO B 32 -10.85 -19.71 4.31
N HIS B 33 -10.76 -21.03 4.50
CA HIS B 33 -9.98 -21.87 3.58
C HIS B 33 -10.84 -22.38 2.45
N ILE B 34 -10.84 -21.67 1.33
CA ILE B 34 -11.68 -22.03 0.18
C ILE B 34 -10.86 -22.34 -1.07
N SER B 35 -11.41 -23.21 -1.92
CA SER B 35 -10.77 -23.57 -3.18
C SER B 35 -11.33 -22.73 -4.31
N VAL B 36 -10.57 -22.63 -5.40
CA VAL B 36 -10.95 -21.81 -6.56
C VAL B 36 -12.37 -22.09 -7.08
N ASP B 37 -12.79 -23.36 -7.02
CA ASP B 37 -14.14 -23.71 -7.42
C ASP B 37 -15.12 -23.09 -6.44
N GLU B 38 -14.76 -23.14 -5.16
CA GLU B 38 -15.59 -22.55 -4.11
C GLU B 38 -15.65 -21.04 -4.30
N ALA B 39 -14.50 -20.46 -4.64
CA ALA B 39 -14.38 -19.02 -4.88
C ALA B 39 -15.21 -18.58 -6.09
N LEU B 40 -14.89 -19.18 -7.24
CA LEU B 40 -15.59 -18.87 -8.48
C LEU B 40 -17.09 -19.05 -8.35
N ALA B 41 -17.49 -19.94 -7.44
CA ALA B 41 -18.90 -20.24 -7.23
C ALA B 41 -19.62 -19.05 -6.61
N ASN B 42 -19.09 -18.56 -5.50
CA ASN B 42 -19.71 -17.45 -4.78
C ASN B 42 -19.86 -16.21 -5.67
N PHE B 43 -18.78 -15.80 -6.32
CA PHE B 43 -18.83 -14.66 -7.22
C PHE B 43 -20.03 -14.74 -8.15
N LYS B 44 -20.03 -15.75 -9.02
CA LYS B 44 -21.14 -15.98 -9.94
C LYS B 44 -22.46 -15.90 -9.20
N GLU B 45 -22.54 -16.59 -8.07
CA GLU B 45 -23.73 -16.55 -7.23
C GLU B 45 -24.17 -15.12 -6.98
N THR B 46 -23.30 -14.34 -6.32
CA THR B 46 -23.61 -12.96 -5.94
C THR B 46 -24.16 -12.16 -7.12
N ILE B 47 -23.60 -12.42 -8.29
CA ILE B 47 -24.01 -11.70 -9.50
C ILE B 47 -25.50 -11.89 -9.76
N GLU B 48 -25.91 -13.13 -9.98
CA GLU B 48 -27.32 -13.45 -10.17
C GLU B 48 -28.18 -12.75 -9.14
N LEU B 49 -27.96 -13.07 -7.87
CA LEU B 49 -28.74 -12.49 -6.77
C LEU B 49 -28.87 -10.98 -6.96
N LEU B 50 -27.75 -10.32 -7.24
CA LEU B 50 -27.74 -8.87 -7.43
C LEU B 50 -28.53 -8.44 -8.64
N LEU B 51 -28.36 -9.19 -9.74
CA LEU B 51 -29.11 -8.92 -10.95
C LEU B 51 -30.61 -8.89 -10.63
N LYS B 52 -31.08 -9.91 -9.92
CA LYS B 52 -32.50 -10.09 -9.65
C LYS B 52 -33.05 -9.14 -8.57
N LEU B 53 -32.32 -9.01 -7.48
CA LEU B 53 -32.77 -8.18 -6.36
C LEU B 53 -32.78 -6.71 -6.75
N SER B 54 -32.06 -6.38 -7.81
CA SER B 54 -31.96 -5.00 -8.27
C SER B 54 -33.30 -4.47 -8.75
N GLY B 55 -33.94 -5.22 -9.65
CA GLY B 55 -35.24 -4.85 -10.17
C GLY B 55 -36.07 -4.07 -9.16
N ASN B 56 -36.48 -4.75 -8.09
CA ASN B 56 -37.28 -4.13 -7.04
C ASN B 56 -36.79 -2.74 -6.66
N ASN B 63 -22.73 8.68 -4.73
CA ASN B 63 -23.70 9.69 -4.33
C ASN B 63 -23.54 10.99 -5.12
N THR B 64 -22.80 10.93 -6.21
CA THR B 64 -22.56 12.10 -7.06
C THR B 64 -22.57 11.75 -8.55
N ARG B 65 -22.49 12.79 -9.38
CA ARG B 65 -22.61 12.63 -10.84
C ARG B 65 -21.47 11.84 -11.50
N VAL B 66 -20.23 12.30 -11.31
CA VAL B 66 -19.07 11.61 -11.86
C VAL B 66 -19.09 10.13 -11.49
N GLU B 67 -19.75 9.80 -10.39
CA GLU B 67 -19.88 8.42 -9.95
C GLU B 67 -20.65 7.60 -10.98
N LYS B 68 -21.86 8.04 -11.31
CA LYS B 68 -22.69 7.36 -12.30
C LYS B 68 -22.06 7.49 -13.69
N LYS B 69 -21.48 8.66 -13.95
CA LYS B 69 -20.76 8.94 -15.18
C LYS B 69 -19.73 7.85 -15.48
N GLU B 70 -18.99 7.47 -14.44
CA GLU B 70 -17.92 6.50 -14.58
C GLU B 70 -18.46 5.07 -14.65
N TYR B 71 -19.76 4.91 -14.42
CA TYR B 71 -20.37 3.59 -14.32
C TYR B 71 -21.05 3.15 -15.62
N SER B 72 -21.19 4.09 -16.56
CA SER B 72 -21.83 3.82 -17.83
C SER B 72 -21.11 2.72 -18.61
N ASN B 73 -19.90 2.42 -18.19
CA ASN B 73 -18.98 1.62 -19.00
C ASN B 73 -19.26 0.12 -19.09
N PHE B 74 -19.51 -0.52 -17.95
CA PHE B 74 -19.67 -1.98 -17.93
C PHE B 74 -20.80 -2.43 -18.84
N TYR B 75 -21.60 -1.46 -19.27
CA TYR B 75 -22.77 -1.71 -20.10
C TYR B 75 -22.43 -1.90 -21.58
N MET B 76 -22.38 -3.16 -22.01
CA MET B 76 -22.22 -3.50 -23.41
C MET B 76 -23.59 -3.77 -24.03
N LYS B 77 -23.82 -3.22 -25.23
CA LYS B 77 -25.11 -3.37 -25.90
C LYS B 77 -25.34 -4.81 -26.38
N SER B 78 -24.37 -5.36 -27.09
CA SER B 78 -24.50 -6.70 -27.65
C SER B 78 -24.51 -7.76 -26.55
N LYS B 79 -24.74 -9.01 -26.94
CA LYS B 79 -24.78 -10.11 -25.98
C LYS B 79 -23.40 -10.75 -25.83
N PRO B 80 -22.87 -10.75 -24.59
CA PRO B 80 -21.60 -11.38 -24.25
C PRO B 80 -21.45 -12.76 -24.91
N THR B 81 -20.55 -12.83 -25.88
CA THR B 81 -20.35 -14.04 -26.67
C THR B 81 -20.15 -15.28 -25.81
N LEU B 82 -19.33 -15.15 -24.78
CA LEU B 82 -19.10 -16.26 -23.85
C LEU B 82 -20.09 -16.16 -22.71
N SER B 83 -20.90 -17.22 -22.54
CA SER B 83 -21.84 -17.27 -21.43
C SER B 83 -21.10 -16.85 -20.17
N SER B 84 -21.80 -16.12 -19.30
CA SER B 84 -21.20 -15.63 -18.07
C SER B 84 -20.37 -16.70 -17.34
N ALA B 85 -21.01 -17.83 -17.04
CA ALA B 85 -20.35 -18.92 -16.33
C ALA B 85 -19.12 -19.43 -17.06
N ASP B 86 -19.31 -19.84 -18.32
CA ASP B 86 -18.21 -20.35 -19.13
C ASP B 86 -17.12 -19.30 -19.28
N PHE B 87 -17.53 -18.03 -19.37
CA PHE B 87 -16.61 -16.92 -19.54
C PHE B 87 -15.54 -16.86 -18.44
N LEU B 88 -15.94 -17.18 -17.21
CA LEU B 88 -15.02 -17.22 -16.09
C LEU B 88 -14.15 -18.47 -16.14
N LYS B 89 -14.72 -19.55 -16.67
CA LYS B 89 -13.99 -20.80 -16.84
C LYS B 89 -12.75 -20.57 -17.70
N ARG B 90 -12.92 -19.82 -18.78
CA ARG B 90 -11.82 -19.46 -19.66
C ARG B 90 -10.73 -18.74 -18.88
N ILE B 91 -11.13 -17.73 -18.11
CA ILE B 91 -10.19 -16.85 -17.43
C ILE B 91 -9.38 -17.56 -16.34
N GLN B 92 -10.03 -18.44 -15.59
CA GLN B 92 -9.34 -19.22 -14.57
C GLN B 92 -8.35 -20.16 -15.23
N ASP B 93 -8.62 -20.53 -16.48
CA ASP B 93 -7.75 -21.41 -17.24
C ASP B 93 -6.54 -20.64 -17.76
N LYS B 94 -6.82 -19.55 -18.46
CA LYS B 94 -5.78 -18.74 -19.07
C LYS B 94 -4.99 -17.94 -18.03
N CYS B 95 -5.56 -17.80 -16.84
CA CYS B 95 -4.94 -16.97 -15.80
C CYS B 95 -4.66 -17.74 -14.51
N GLU B 96 -5.41 -18.82 -14.28
CA GLU B 96 -5.16 -19.71 -13.16
C GLU B 96 -4.87 -18.97 -11.86
N TYR B 97 -5.89 -18.32 -11.30
CA TYR B 97 -5.73 -17.54 -10.09
C TYR B 97 -5.92 -18.38 -8.83
N GLN B 98 -5.60 -17.78 -7.69
CA GLN B 98 -5.86 -18.41 -6.41
C GLN B 98 -7.22 -17.95 -5.89
N PRO B 99 -7.86 -18.75 -5.02
CA PRO B 99 -9.20 -18.43 -4.51
C PRO B 99 -9.34 -16.96 -4.13
N THR B 100 -8.36 -16.44 -3.42
CA THR B 100 -8.37 -15.06 -2.96
C THR B 100 -8.94 -14.11 -4.02
N VAL B 101 -8.27 -14.07 -5.17
CA VAL B 101 -8.69 -13.24 -6.30
C VAL B 101 -10.20 -13.14 -6.49
N TYR B 102 -10.86 -14.28 -6.59
CA TYR B 102 -12.29 -14.30 -6.90
C TYR B 102 -13.15 -13.86 -5.71
N LEU B 103 -12.57 -13.95 -4.52
CA LEU B 103 -13.25 -13.49 -3.31
C LEU B 103 -13.26 -11.97 -3.25
N VAL B 104 -12.07 -11.39 -3.15
CA VAL B 104 -11.90 -9.94 -3.25
C VAL B 104 -12.76 -9.41 -4.38
N ALA B 105 -12.55 -9.95 -5.57
CA ALA B 105 -13.35 -9.58 -6.74
C ALA B 105 -14.81 -9.44 -6.35
N THR B 106 -15.31 -10.40 -5.58
CA THR B 106 -16.74 -10.42 -5.27
C THR B 106 -17.13 -9.34 -4.28
N PHE B 107 -16.27 -9.07 -3.31
CA PHE B 107 -16.56 -8.04 -2.32
C PHE B 107 -16.74 -6.67 -2.98
N LEU B 108 -15.93 -6.38 -4.00
CA LEU B 108 -16.06 -5.11 -4.72
C LEU B 108 -17.51 -4.94 -5.16
N ILE B 109 -18.07 -6.00 -5.72
CA ILE B 109 -19.46 -6.03 -6.12
C ILE B 109 -20.36 -5.76 -4.92
N ASP B 110 -20.10 -6.49 -3.85
CA ASP B 110 -20.79 -6.27 -2.59
C ASP B 110 -20.73 -4.80 -2.24
N THR B 111 -19.52 -4.33 -1.92
CA THR B 111 -19.32 -2.97 -1.44
C THR B 111 -19.87 -1.94 -2.44
N LEU B 112 -19.84 -2.29 -3.72
CA LEU B 112 -20.34 -1.37 -4.74
C LEU B 112 -21.85 -1.23 -4.65
N PHE B 113 -22.53 -2.37 -4.46
CA PHE B 113 -23.98 -2.39 -4.54
C PHE B 113 -24.69 -2.47 -3.20
N LEU B 114 -23.99 -2.99 -2.20
CA LEU B 114 -24.62 -3.28 -0.92
C LEU B 114 -24.23 -2.30 0.19
N THR B 115 -24.94 -2.41 1.31
CA THR B 115 -24.73 -1.57 2.48
C THR B 115 -25.80 -1.99 3.48
N ARG B 116 -25.52 -1.86 4.76
CA ARG B 116 -26.52 -2.18 5.77
C ARG B 116 -27.19 -0.91 6.26
N ASP B 117 -28.31 -1.06 6.95
CA ASP B 117 -29.04 0.07 7.47
C ASP B 117 -28.96 0.11 8.98
N GLY B 118 -29.66 1.08 9.58
CA GLY B 118 -29.61 1.29 11.01
C GLY B 118 -29.81 0.02 11.80
N ASN B 119 -30.49 -0.95 11.21
CA ASN B 119 -30.79 -2.22 11.87
C ASN B 119 -29.94 -3.36 11.33
N ASN B 120 -28.80 -3.02 10.75
CA ASN B 120 -27.90 -4.01 10.14
C ASN B 120 -28.59 -4.85 9.06
N ILE B 121 -29.63 -4.28 8.47
CA ILE B 121 -30.35 -4.93 7.39
C ILE B 121 -29.77 -4.46 6.07
N LEU B 122 -29.45 -5.39 5.18
CA LEU B 122 -28.86 -5.04 3.90
C LEU B 122 -29.76 -4.11 3.09
N GLN B 123 -29.18 -3.45 2.10
CA GLN B 123 -29.93 -2.55 1.25
C GLN B 123 -29.21 -2.45 -0.09
N LEU B 124 -29.91 -1.96 -1.11
CA LEU B 124 -29.32 -1.84 -2.44
C LEU B 124 -28.91 -0.41 -2.75
N LYS B 125 -27.63 -0.22 -3.04
CA LYS B 125 -27.11 1.10 -3.36
C LYS B 125 -27.46 1.46 -4.79
N LEU B 126 -27.19 0.56 -5.72
CA LEU B 126 -27.39 0.82 -7.14
C LEU B 126 -27.93 -0.40 -7.88
N ASN B 127 -28.48 -0.16 -9.07
CA ASN B 127 -29.08 -1.24 -9.85
C ASN B 127 -28.11 -1.91 -10.82
N LEU B 128 -27.95 -3.22 -10.66
CA LEU B 128 -27.05 -4.02 -11.49
C LEU B 128 -27.81 -4.81 -12.55
N GLN B 129 -27.39 -4.64 -13.81
CA GLN B 129 -28.05 -5.28 -14.94
C GLN B 129 -27.10 -6.23 -15.66
N GLU B 130 -27.65 -7.25 -16.29
CA GLU B 130 -26.85 -8.23 -17.02
C GLU B 130 -26.15 -7.58 -18.22
N LYS B 131 -26.71 -6.46 -18.69
CA LYS B 131 -26.11 -5.70 -19.78
C LYS B 131 -24.80 -5.06 -19.32
N GLU B 132 -24.63 -4.97 -18.01
CA GLU B 132 -23.43 -4.36 -17.44
C GLU B 132 -22.53 -5.42 -16.82
N VAL B 133 -23.09 -6.60 -16.57
CA VAL B 133 -22.39 -7.66 -15.86
C VAL B 133 -21.02 -8.02 -16.45
N HIS B 134 -20.98 -8.23 -17.77
CA HIS B 134 -19.78 -8.80 -18.40
C HIS B 134 -18.52 -7.99 -18.14
N ARG B 135 -18.60 -6.69 -18.39
CA ARG B 135 -17.44 -5.82 -18.20
C ARG B 135 -17.15 -5.63 -16.72
N MET B 136 -18.20 -5.65 -15.90
CA MET B 136 -18.05 -5.52 -14.46
C MET B 136 -17.25 -6.67 -13.90
N ILE B 137 -17.38 -7.84 -14.53
CA ILE B 137 -16.67 -9.04 -14.11
C ILE B 137 -15.16 -8.85 -14.24
N ILE B 138 -14.73 -8.52 -15.45
CA ILE B 138 -13.32 -8.25 -15.70
C ILE B 138 -12.81 -7.20 -14.71
N ALA B 139 -13.50 -6.06 -14.66
CA ALA B 139 -13.10 -4.96 -13.78
C ALA B 139 -12.72 -5.46 -12.40
N ALA B 140 -13.63 -6.18 -11.76
CA ALA B 140 -13.45 -6.65 -10.41
C ALA B 140 -12.23 -7.56 -10.27
N VAL B 141 -12.01 -8.42 -11.25
CA VAL B 141 -10.96 -9.43 -11.16
C VAL B 141 -9.55 -8.85 -11.32
N ARG B 142 -9.32 -8.08 -12.38
CA ARG B 142 -7.99 -7.48 -12.56
C ARG B 142 -7.75 -6.51 -11.42
N LEU B 143 -8.74 -5.67 -11.15
CA LEU B 143 -8.68 -4.75 -10.03
C LEU B 143 -8.35 -5.50 -8.74
N SER B 144 -9.01 -6.63 -8.56
CA SER B 144 -8.78 -7.47 -7.39
C SER B 144 -7.32 -7.95 -7.32
N THR B 145 -6.83 -8.51 -8.42
CA THR B 145 -5.46 -8.99 -8.46
C THR B 145 -4.47 -7.87 -8.19
N LYS B 146 -4.74 -6.70 -8.77
CA LYS B 146 -3.87 -5.54 -8.58
C LYS B 146 -3.82 -5.12 -7.12
N LEU B 147 -4.82 -5.52 -6.35
CA LEU B 147 -4.82 -5.27 -4.91
C LEU B 147 -3.96 -6.32 -4.20
N LEU B 148 -3.97 -7.54 -4.73
CA LEU B 148 -3.36 -8.68 -4.06
C LEU B 148 -1.86 -8.89 -4.35
N GLU B 149 -1.51 -8.97 -5.63
CA GLU B 149 -0.20 -9.50 -6.01
C GLU B 149 0.87 -8.45 -6.30
N ASP B 150 2.10 -8.73 -5.86
CA ASP B 150 3.26 -7.91 -6.21
C ASP B 150 3.60 -8.09 -7.68
N PHE B 151 2.84 -8.95 -8.36
CA PHE B 151 3.04 -9.21 -9.78
C PHE B 151 1.77 -9.82 -10.38
N VAL B 152 1.22 -9.16 -11.40
CA VAL B 152 0.03 -9.66 -12.08
C VAL B 152 0.38 -9.92 -13.55
N HIS B 153 -0.57 -10.46 -14.31
CA HIS B 153 -0.37 -10.64 -15.74
C HIS B 153 -0.31 -9.28 -16.42
N SER B 154 0.16 -9.26 -17.66
CA SER B 154 0.32 -8.02 -18.42
C SER B 154 -1.03 -7.40 -18.77
N HIS B 155 -0.99 -6.17 -19.25
CA HIS B 155 -2.24 -5.46 -19.58
C HIS B 155 -2.85 -6.03 -20.85
N GLU B 156 -2.03 -6.68 -21.67
CA GLU B 156 -2.53 -7.26 -22.91
C GLU B 156 -2.79 -8.76 -22.78
N TYR B 157 -2.04 -9.42 -21.90
CA TYR B 157 -2.31 -10.83 -21.61
C TYR B 157 -3.73 -10.98 -21.10
N PHE B 158 -4.15 -10.02 -20.26
CA PHE B 158 -5.50 -10.00 -19.71
C PHE B 158 -6.48 -9.34 -20.67
N SER B 159 -6.08 -8.22 -21.26
CA SER B 159 -6.92 -7.56 -22.27
C SER B 159 -7.31 -8.59 -23.32
N LYS B 160 -6.43 -9.58 -23.51
CA LYS B 160 -6.66 -10.67 -24.44
C LYS B 160 -7.65 -11.68 -23.87
N VAL B 161 -7.33 -12.20 -22.68
CA VAL B 161 -8.17 -13.18 -22.00
C VAL B 161 -9.65 -12.77 -21.95
N CYS B 162 -9.92 -11.49 -22.16
CA CYS B 162 -11.28 -10.97 -22.05
C CYS B 162 -11.80 -10.41 -23.37
N GLY B 163 -11.06 -10.65 -24.45
CA GLY B 163 -11.42 -10.10 -25.74
C GLY B 163 -11.73 -8.63 -25.61
N ILE B 164 -10.89 -7.94 -24.84
CA ILE B 164 -11.14 -6.54 -24.53
C ILE B 164 -10.06 -5.62 -25.10
N SER B 165 -10.49 -4.47 -25.61
CA SER B 165 -9.57 -3.42 -26.01
C SER B 165 -8.86 -2.90 -24.77
N LYS B 166 -7.54 -2.95 -24.77
CA LYS B 166 -6.75 -2.49 -23.62
C LYS B 166 -7.09 -1.04 -23.23
N ARG B 167 -7.69 -0.31 -24.15
CA ARG B 167 -8.14 1.06 -23.85
C ARG B 167 -9.40 1.02 -23.01
N LEU B 168 -10.26 0.04 -23.27
CA LEU B 168 -11.47 -0.14 -22.48
C LEU B 168 -11.08 -0.75 -21.14
N LEU B 169 -10.21 -1.76 -21.17
CA LEU B 169 -9.74 -2.37 -19.94
C LEU B 169 -9.33 -1.27 -18.97
N THR B 170 -8.52 -0.34 -19.45
CA THR B 170 -8.11 0.78 -18.61
C THR B 170 -9.34 1.54 -18.09
N LYS B 171 -10.27 1.86 -18.99
CA LYS B 171 -11.45 2.63 -18.62
C LYS B 171 -12.34 1.88 -17.61
N LEU B 172 -12.22 0.55 -17.60
CA LEU B 172 -13.06 -0.27 -16.73
C LEU B 172 -12.41 -0.53 -15.36
N GLU B 173 -11.13 -0.22 -15.25
CA GLU B 173 -10.43 -0.28 -13.98
C GLU B 173 -10.74 1.00 -13.22
N VAL B 174 -10.63 2.11 -13.95
CA VAL B 174 -10.86 3.43 -13.39
C VAL B 174 -12.34 3.64 -13.10
N SER B 175 -13.19 3.03 -13.93
CA SER B 175 -14.61 3.10 -13.68
C SER B 175 -14.97 2.45 -12.35
N LEU B 176 -14.58 1.19 -12.17
CA LEU B 176 -14.86 0.50 -10.93
C LEU B 176 -14.23 1.28 -9.78
N LEU B 177 -12.91 1.36 -9.81
CA LEU B 177 -12.16 2.07 -8.80
C LEU B 177 -12.83 3.38 -8.39
N ILE B 178 -13.27 4.15 -9.38
CA ILE B 178 -13.90 5.42 -9.08
C ILE B 178 -15.16 5.21 -8.27
N CYS B 179 -15.93 4.19 -8.64
CA CYS B 179 -17.24 3.97 -8.05
C CYS B 179 -17.19 3.42 -6.63
N VAL B 180 -16.13 2.68 -6.30
CA VAL B 180 -16.06 2.02 -5.00
C VAL B 180 -15.03 2.64 -4.06
N CYS B 181 -14.26 3.60 -4.54
CA CYS B 181 -13.11 4.09 -3.78
C CYS B 181 -13.52 4.72 -2.46
N ASN B 182 -14.73 5.27 -2.41
CA ASN B 182 -15.26 5.83 -1.18
C ASN B 182 -15.67 4.77 -0.15
N THR B 183 -15.45 3.49 -0.47
CA THR B 183 -15.65 2.43 0.52
C THR B 183 -14.30 1.91 1.01
N LYS B 184 -14.29 1.23 2.14
CA LYS B 184 -13.03 0.72 2.66
C LYS B 184 -12.61 -0.50 1.84
N LEU B 185 -11.57 -0.33 1.04
CA LEU B 185 -11.13 -1.37 0.11
C LEU B 185 -9.86 -2.05 0.60
N MET B 186 -9.32 -1.55 1.71
CA MET B 186 -8.19 -2.19 2.34
C MET B 186 -8.50 -3.67 2.48
N VAL B 187 -7.70 -4.50 1.84
CA VAL B 187 -7.92 -5.94 1.87
C VAL B 187 -7.55 -6.54 3.23
N SER B 188 -8.39 -7.45 3.71
CA SER B 188 -8.19 -8.13 5.00
C SER B 188 -9.08 -9.35 5.05
N ASN B 189 -8.77 -10.28 5.95
CA ASN B 189 -9.47 -11.56 6.05
C ASN B 189 -10.97 -11.43 6.24
N ARG B 190 -11.38 -10.42 7.01
CA ARG B 190 -12.79 -10.16 7.24
C ARG B 190 -13.50 -9.82 5.92
N LYS B 191 -12.90 -8.91 5.16
CA LYS B 191 -13.44 -8.55 3.86
C LYS B 191 -13.45 -9.76 2.94
N LEU B 192 -12.43 -10.61 3.08
CA LEU B 192 -12.35 -11.86 2.34
C LEU B 192 -13.48 -12.81 2.74
N ALA B 193 -13.75 -12.86 4.04
CA ALA B 193 -14.82 -13.70 4.56
C ALA B 193 -16.20 -13.20 4.12
N ALA B 194 -16.41 -11.89 4.29
CA ALA B 194 -17.71 -11.27 4.02
C ALA B 194 -18.25 -11.59 2.63
N SER B 195 -17.36 -11.96 1.71
CA SER B 195 -17.79 -12.32 0.38
C SER B 195 -18.82 -13.43 0.47
N LYS B 196 -18.41 -14.57 1.01
CA LYS B 196 -19.25 -15.76 1.12
C LYS B 196 -20.46 -15.54 2.04
N LEU B 197 -20.24 -14.82 3.13
CA LEU B 197 -21.31 -14.58 4.10
C LEU B 197 -22.43 -13.73 3.53
N LEU B 198 -22.08 -12.55 3.02
CA LEU B 198 -23.06 -11.67 2.40
C LEU B 198 -23.88 -12.42 1.35
N LEU B 199 -23.31 -13.50 0.83
CA LEU B 199 -24.02 -14.36 -0.10
C LEU B 199 -25.19 -15.04 0.60
N ASN B 200 -24.87 -15.76 1.68
CA ASN B 200 -25.88 -16.44 2.48
C ASN B 200 -27.03 -15.50 2.86
N GLU B 201 -26.65 -14.35 3.40
CA GLU B 201 -27.61 -13.38 3.94
C GLU B 201 -28.54 -12.86 2.85
N LEU B 202 -28.25 -13.24 1.60
CA LEU B 202 -29.05 -12.81 0.48
C LEU B 202 -30.17 -13.82 0.20
N ARG B 203 -29.88 -15.09 0.44
CA ARG B 203 -30.82 -16.16 0.09
C ARG B 203 -32.06 -16.24 0.99
N SER B 204 -32.16 -17.32 1.77
CA SER B 204 -33.30 -17.60 2.65
C SER B 204 -32.92 -18.66 3.67
N PHE B 205 -33.86 -19.03 4.53
CA PHE B 205 -33.71 -20.14 5.48
C PHE B 205 -33.00 -19.77 6.79
MG MG C . 8.89 9.88 -3.13
PG AGS D . 8.44 7.14 -4.62
S1G AGS D . 9.99 7.25 -5.99
O2G AGS D . 9.13 7.26 -3.27
O3G AGS D . 7.70 5.85 -4.90
PB AGS D . 6.05 8.40 -5.68
O1B AGS D . 6.39 8.50 -7.14
O2B AGS D . 5.20 7.21 -5.26
O3B AGS D . 7.42 8.44 -4.78
PA AGS D . 5.14 10.37 -3.83
O1A AGS D . 3.70 10.22 -3.35
O2A AGS D . 6.26 9.90 -2.95
O3A AGS D . 5.27 9.77 -5.33
O5' AGS D . 5.47 11.92 -4.09
C5' AGS D . 6.64 12.32 -4.78
C4' AGS D . 7.18 13.53 -4.03
O4' AGS D . 6.23 14.60 -4.05
C3' AGS D . 7.40 13.25 -2.57
O3' AGS D . 8.72 12.74 -2.34
C2' AGS D . 7.21 14.61 -1.93
O2' AGS D . 8.41 15.37 -1.95
C1' AGS D . 6.19 15.29 -2.80
N9 AGS D . 4.86 15.13 -2.13
C8 AGS D . 4.07 14.03 -2.15
N7 AGS D . 2.94 14.22 -1.44
C5 AGS D . 2.97 15.48 -0.94
C6 AGS D . 2.09 16.31 -0.09
N6 AGS D . 0.90 15.83 0.38
N1 AGS D . 2.52 17.57 0.21
C2 AGS D . 3.70 18.04 -0.25
N3 AGS D . 4.55 17.35 -1.02
C4 AGS D . 4.25 16.07 -1.40
#